data_6MFO
#
_entry.id   6MFO
#
_cell.length_a   87.894
_cell.length_b   116.516
_cell.length_c   99.889
_cell.angle_alpha   90.00
_cell.angle_beta   90.00
_cell.angle_gamma   90.00
#
_symmetry.space_group_name_H-M   'C 2 2 21'
#
loop_
_entity.id
_entity.type
_entity.pdbx_description
1 polymer Protocadherin-15
2 non-polymer 'CALCIUM ION'
3 water water
#
_entity_poly.entity_id   1
_entity_poly.type   'polypeptide(L)'
_entity_poly.pdbx_seq_one_letter_code
;MQYDDDWQYEDCKLARDGPPATIVAIDEESRNGTILVDNMLIKGTAGGPDPTIELSLKDNVDYWVLMDPVKQMLFLNSTG
RVLDRDPPMNIHSIVVQVQCINKKVGTIIYHEVRIVVRDRNDNSPTFKHESYYATVNELTPVGTTIFTGFSGDNGATDID
DGPNGQIEYVIQYNPDDPTSNDTFEIPLMLTGNIVLRKRLNYEDKTRYFVIIQANDRAQNLNERRTTTTTLTVDVLDGDD
LGPMFLPCVLVPNTRDCRPLTYQAAIPELRTPEELNPIIVTPPIQAIDQDRNIQPPSDRPGILYSILVGTPEDYPRFFHM
HPRTAELSLLEPVNRDFHQKFDLVIKAEQDNGHPLPAFAGLHIEILDENDNLEHHHHHH
;
_entity_poly.pdbx_strand_id   A
#
loop_
_chem_comp.id
_chem_comp.type
_chem_comp.name
_chem_comp.formula
CA non-polymer 'CALCIUM ION' 'Ca 2'
#
# COMPACT_ATOMS: atom_id res chain seq x y z
N GLU A 10 -29.29 41.44 -41.47
CA GLU A 10 -28.47 41.90 -40.30
C GLU A 10 -28.76 40.97 -39.12
N ASP A 11 -30.05 40.87 -38.76
CA ASP A 11 -30.55 39.97 -37.73
C ASP A 11 -30.03 38.55 -37.96
N CYS A 12 -29.94 37.78 -36.87
CA CYS A 12 -29.63 36.35 -36.90
C CYS A 12 -28.11 36.13 -36.86
N LYS A 13 -27.33 37.21 -36.99
CA LYS A 13 -25.93 37.26 -36.63
C LYS A 13 -25.81 37.64 -35.14
N LEU A 14 -24.67 37.40 -34.51
CA LEU A 14 -24.48 37.67 -33.06
C LEU A 14 -24.50 39.17 -32.81
N ALA A 15 -25.16 39.59 -31.73
CA ALA A 15 -25.21 40.97 -31.29
C ALA A 15 -23.97 41.32 -30.45
N ARG A 16 -23.56 40.38 -29.60
CA ARG A 16 -22.34 40.54 -28.83
C ARG A 16 -21.14 40.64 -29.77
N ASP A 17 -20.05 41.25 -29.27
CA ASP A 17 -18.70 41.11 -29.82
C ASP A 17 -18.18 39.71 -29.46
N GLY A 18 -16.89 39.44 -29.72
CA GLY A 18 -16.23 38.23 -29.26
C GLY A 18 -16.29 37.10 -30.30
N PRO A 19 -15.79 35.90 -29.95
CA PRO A 19 -15.62 34.81 -30.90
C PRO A 19 -16.95 34.12 -31.17
N PRO A 20 -17.05 33.30 -32.24
CA PRO A 20 -18.34 32.85 -32.77
C PRO A 20 -18.89 31.53 -32.21
N ALA A 21 -18.16 30.93 -31.26
CA ALA A 21 -18.70 29.93 -30.38
C ALA A 21 -19.01 30.61 -29.02
N THR A 22 -20.09 30.17 -28.39
CA THR A 22 -20.41 30.50 -27.03
C THR A 22 -19.88 29.35 -26.16
N ILE A 23 -18.80 29.62 -25.41
CA ILE A 23 -18.21 28.68 -24.48
C ILE A 23 -18.58 29.11 -23.06
N VAL A 24 -19.03 28.13 -22.26
CA VAL A 24 -19.50 28.30 -20.90
C VAL A 24 -19.21 26.99 -20.18
N ALA A 25 -19.25 27.05 -18.86
CA ALA A 25 -18.83 25.94 -18.02
C ALA A 25 -19.81 25.82 -16.87
N ILE A 26 -19.95 24.61 -16.29
CA ILE A 26 -20.80 24.40 -15.15
C ILE A 26 -20.31 23.19 -14.39
N ASP A 27 -20.46 23.22 -13.08
CA ASP A 27 -20.04 22.13 -12.29
C ASP A 27 -20.83 20.91 -12.73
N GLU A 28 -20.14 19.78 -12.84
CA GLU A 28 -20.81 18.51 -12.93
C GLU A 28 -21.78 18.36 -11.76
N GLU A 29 -22.77 17.51 -11.96
CA GLU A 29 -23.71 17.15 -10.91
C GLU A 29 -24.61 18.35 -10.59
N SER A 30 -24.82 19.26 -11.54
CA SER A 30 -25.89 20.25 -11.45
C SER A 30 -27.23 19.57 -11.78
N ARG A 31 -28.33 20.15 -11.28
CA ARG A 31 -29.66 19.52 -11.29
C ARG A 31 -30.57 20.28 -12.27
N ASN A 32 -31.71 19.64 -12.60
CA ASN A 32 -32.59 20.07 -13.67
C ASN A 32 -32.90 21.54 -13.53
N GLY A 33 -33.00 22.27 -14.65
CA GLY A 33 -33.40 23.67 -14.64
C GLY A 33 -32.23 24.64 -14.62
N THR A 34 -31.06 24.21 -14.12
CA THR A 34 -29.80 24.98 -14.13
C THR A 34 -29.63 25.76 -15.44
N ILE A 35 -29.58 27.08 -15.36
CA ILE A 35 -29.34 27.89 -16.56
C ILE A 35 -27.94 27.57 -17.10
N LEU A 36 -27.82 27.51 -18.43
CA LEU A 36 -26.56 27.23 -19.14
C LEU A 36 -26.12 28.42 -19.98
N VAL A 37 -27.06 29.19 -20.54
CA VAL A 37 -26.74 30.49 -21.12
C VAL A 37 -27.85 31.46 -20.73
N ASP A 38 -27.44 32.57 -20.13
CA ASP A 38 -28.27 33.74 -19.87
C ASP A 38 -29.00 34.14 -21.15
N ASN A 39 -28.21 34.65 -22.09
CA ASN A 39 -28.67 35.30 -23.26
C ASN A 39 -27.64 35.00 -24.37
N MET A 40 -28.01 34.13 -25.32
CA MET A 40 -27.20 33.86 -26.54
C MET A 40 -26.82 35.17 -27.21
N LEU A 41 -27.75 36.13 -27.18
CA LEU A 41 -27.53 37.49 -27.63
C LEU A 41 -27.40 37.43 -29.13
N ILE A 42 -28.49 37.06 -29.78
CA ILE A 42 -28.54 36.88 -31.19
C ILE A 42 -29.39 38.02 -31.75
N LYS A 43 -28.73 38.89 -32.50
CA LYS A 43 -29.37 39.99 -33.22
C LYS A 43 -30.71 39.49 -33.75
N GLY A 44 -31.79 40.18 -33.38
CA GLY A 44 -33.15 39.75 -33.76
C GLY A 44 -33.98 39.33 -32.56
N THR A 45 -35.16 38.75 -32.83
CA THR A 45 -36.23 38.50 -31.84
C THR A 45 -37.17 37.38 -32.27
N ALA A 46 -37.03 36.19 -31.65
CA ALA A 46 -37.92 35.05 -31.88
C ALA A 46 -39.20 35.22 -31.06
N GLY A 47 -40.31 34.70 -31.57
CA GLY A 47 -41.61 34.84 -30.91
C GLY A 47 -42.12 36.27 -30.94
N GLY A 48 -42.95 36.63 -29.95
CA GLY A 48 -43.75 37.85 -29.99
C GLY A 48 -44.83 37.74 -31.08
N PRO A 49 -45.46 38.86 -31.49
CA PRO A 49 -46.54 38.81 -32.48
C PRO A 49 -46.05 38.60 -33.92
N ASP A 50 -44.92 39.24 -34.27
CA ASP A 50 -44.31 39.17 -35.61
C ASP A 50 -42.83 38.85 -35.44
N PRO A 51 -42.46 37.54 -35.35
CA PRO A 51 -41.11 37.15 -34.99
C PRO A 51 -40.26 37.47 -36.21
N THR A 52 -38.98 37.75 -36.01
CA THR A 52 -38.10 38.17 -37.10
C THR A 52 -37.08 37.06 -37.41
N ILE A 53 -36.86 36.17 -36.44
CA ILE A 53 -36.00 35.03 -36.60
C ILE A 53 -36.75 33.79 -36.10
N GLU A 54 -36.22 32.61 -36.45
CA GLU A 54 -36.65 31.33 -35.89
C GLU A 54 -35.42 30.65 -35.29
N LEU A 55 -35.53 30.24 -34.01
CA LEU A 55 -34.46 29.52 -33.29
C LEU A 55 -34.87 28.07 -33.01
N SER A 56 -33.94 27.13 -33.14
CA SER A 56 -34.17 25.77 -32.62
C SER A 56 -32.84 25.12 -32.24
N LEU A 57 -32.90 23.98 -31.53
CA LEU A 57 -31.71 23.26 -31.13
C LEU A 57 -31.41 22.16 -32.15
N LYS A 58 -30.11 21.84 -32.24
CA LYS A 58 -29.57 20.96 -33.22
C LYS A 58 -28.39 20.22 -32.59
N ASP A 59 -28.22 18.96 -32.99
CA ASP A 59 -27.22 18.06 -32.39
C ASP A 59 -27.32 18.14 -30.86
N ASN A 60 -28.57 18.06 -30.37
CA ASN A 60 -28.89 18.01 -28.97
C ASN A 60 -29.39 16.61 -28.64
N VAL A 61 -28.46 15.72 -28.32
CA VAL A 61 -28.70 14.29 -28.20
C VAL A 61 -29.17 14.00 -26.77
N ASP A 62 -30.25 13.22 -26.69
CA ASP A 62 -31.01 12.93 -25.46
C ASP A 62 -31.41 14.25 -24.77
N TYR A 63 -31.67 15.28 -25.59
CA TYR A 63 -32.11 16.57 -25.16
C TYR A 63 -31.55 16.94 -23.77
N TRP A 64 -30.24 17.06 -23.64
CA TRP A 64 -29.67 17.60 -22.39
C TRP A 64 -29.92 19.11 -22.29
N VAL A 65 -30.28 19.76 -23.40
CA VAL A 65 -30.55 21.18 -23.37
C VAL A 65 -31.98 21.40 -23.81
N LEU A 66 -32.64 22.35 -23.14
CA LEU A 66 -33.89 22.96 -23.61
C LEU A 66 -33.59 24.44 -23.82
N MET A 67 -34.43 25.12 -24.58
CA MET A 67 -34.22 26.51 -24.93
C MET A 67 -35.52 27.28 -24.77
N ASP A 68 -35.39 28.56 -24.40
CA ASP A 68 -36.48 29.53 -24.37
C ASP A 68 -36.22 30.53 -25.48
N PRO A 69 -36.80 30.34 -26.69
CA PRO A 69 -36.47 31.13 -27.88
C PRO A 69 -36.62 32.66 -27.77
N VAL A 70 -37.51 33.13 -26.90
CA VAL A 70 -37.80 34.54 -26.77
C VAL A 70 -36.67 35.24 -26.01
N LYS A 71 -36.40 34.76 -24.79
CA LYS A 71 -35.32 35.27 -23.95
C LYS A 71 -33.97 34.72 -24.44
N GLN A 72 -34.00 33.71 -25.30
CA GLN A 72 -32.80 33.17 -25.93
C GLN A 72 -31.90 32.68 -24.82
N MET A 73 -32.45 31.74 -24.04
CA MET A 73 -31.86 31.26 -22.85
C MET A 73 -31.95 29.74 -22.85
N LEU A 74 -30.86 29.08 -22.41
CA LEU A 74 -30.73 27.62 -22.41
C LEU A 74 -30.65 27.12 -20.97
N PHE A 75 -31.38 26.02 -20.74
CA PHE A 75 -31.46 25.34 -19.47
C PHE A 75 -30.97 23.91 -19.65
N LEU A 76 -30.44 23.37 -18.58
CA LEU A 76 -30.15 21.98 -18.48
C LEU A 76 -31.49 21.24 -18.38
N ASN A 77 -31.45 19.96 -18.76
CA ASN A 77 -32.59 19.08 -18.85
C ASN A 77 -32.16 17.70 -18.33
N SER A 78 -31.92 17.60 -17.03
CA SER A 78 -31.30 16.44 -16.43
C SER A 78 -32.24 15.65 -15.52
N THR A 79 -33.55 15.94 -15.51
CA THR A 79 -34.51 15.22 -14.63
C THR A 79 -34.34 13.71 -14.80
N GLY A 80 -34.22 12.99 -13.67
CA GLY A 80 -34.24 11.54 -13.66
C GLY A 80 -32.88 10.93 -13.94
N ARG A 81 -32.06 11.68 -14.68
CA ARG A 81 -30.71 11.31 -15.07
C ARG A 81 -29.75 12.28 -14.39
N VAL A 82 -28.44 12.03 -14.53
CA VAL A 82 -27.45 12.71 -13.70
C VAL A 82 -26.31 13.22 -14.59
N LEU A 83 -25.85 14.45 -14.39
CA LEU A 83 -24.81 15.06 -15.23
C LEU A 83 -23.40 14.76 -14.68
N ASP A 84 -22.90 13.55 -14.95
CA ASP A 84 -21.78 12.95 -14.23
C ASP A 84 -20.53 13.03 -15.09
N ARG A 85 -19.60 13.92 -14.74
CA ARG A 85 -18.35 14.05 -15.52
C ARG A 85 -17.51 12.78 -15.35
N ASP A 86 -17.83 11.97 -14.34
CA ASP A 86 -16.99 10.84 -13.92
C ASP A 86 -17.33 9.58 -14.70
N PRO A 87 -16.41 8.58 -14.73
CA PRO A 87 -16.78 7.21 -15.03
C PRO A 87 -17.91 6.80 -14.10
N PRO A 88 -18.90 6.09 -14.67
CA PRO A 88 -18.84 5.61 -16.04
C PRO A 88 -19.61 6.46 -17.08
N MET A 89 -19.70 7.78 -16.90
CA MET A 89 -20.50 8.64 -17.76
C MET A 89 -19.64 9.53 -18.66
N ASN A 90 -18.51 10.02 -18.14
CA ASN A 90 -17.45 10.70 -18.90
C ASN A 90 -18.00 11.80 -19.78
N ILE A 91 -18.97 12.56 -19.24
CA ILE A 91 -19.50 13.73 -19.89
C ILE A 91 -18.60 14.91 -19.52
N HIS A 92 -17.66 15.25 -20.41
CA HIS A 92 -16.70 16.32 -20.14
C HIS A 92 -17.22 17.62 -20.74
N SER A 93 -17.68 17.59 -21.98
CA SER A 93 -18.35 18.75 -22.55
C SER A 93 -19.68 18.32 -23.14
N ILE A 94 -20.45 19.32 -23.57
CA ILE A 94 -21.64 19.17 -24.36
C ILE A 94 -21.64 20.25 -25.43
N VAL A 95 -21.79 19.81 -26.68
CA VAL A 95 -21.89 20.71 -27.78
C VAL A 95 -23.27 20.56 -28.40
N VAL A 96 -23.91 21.71 -28.62
CA VAL A 96 -25.16 21.83 -29.37
C VAL A 96 -25.08 23.10 -30.22
N GLN A 97 -25.92 23.14 -31.26
CA GLN A 97 -25.99 24.21 -32.23
C GLN A 97 -27.37 24.87 -32.15
N VAL A 98 -27.37 26.19 -32.28
CA VAL A 98 -28.57 26.97 -32.18
C VAL A 98 -28.87 27.54 -33.57
N GLN A 99 -29.43 26.70 -34.44
CA GLN A 99 -29.86 27.10 -35.80
C GLN A 99 -30.81 28.30 -35.69
N CYS A 100 -30.40 29.44 -36.26
CA CYS A 100 -31.25 30.59 -36.40
C CYS A 100 -31.60 30.71 -37.88
N ILE A 101 -32.88 30.89 -38.20
CA ILE A 101 -33.28 31.24 -39.55
C ILE A 101 -33.70 32.71 -39.54
N ASN A 102 -33.43 33.39 -40.66
CA ASN A 102 -33.86 34.73 -40.86
C ASN A 102 -35.13 34.68 -41.69
N LYS A 103 -36.18 35.35 -41.22
CA LYS A 103 -37.51 35.17 -41.76
C LYS A 103 -37.71 36.01 -43.04
N LYS A 104 -36.90 37.07 -43.23
CA LYS A 104 -36.96 37.85 -44.48
C LYS A 104 -35.95 37.27 -45.46
N VAL A 105 -34.68 37.50 -45.11
CA VAL A 105 -33.57 37.37 -46.00
C VAL A 105 -33.34 35.88 -46.28
N GLY A 106 -33.66 35.04 -45.29
CA GLY A 106 -33.57 33.57 -45.41
C GLY A 106 -32.23 33.03 -44.99
N THR A 107 -31.45 33.84 -44.27
CA THR A 107 -30.14 33.49 -43.80
C THR A 107 -30.25 32.35 -42.77
N ILE A 108 -29.34 31.38 -42.81
CA ILE A 108 -29.34 30.30 -41.81
C ILE A 108 -27.93 30.13 -41.23
N ILE A 109 -27.77 30.50 -39.97
CA ILE A 109 -26.54 30.32 -39.26
C ILE A 109 -26.73 29.27 -38.16
N TYR A 110 -25.63 28.61 -37.80
CA TYR A 110 -25.54 27.75 -36.62
C TYR A 110 -24.56 28.40 -35.64
N HIS A 111 -25.10 28.79 -34.49
CA HIS A 111 -24.34 29.22 -33.35
C HIS A 111 -23.97 28.00 -32.51
N GLU A 112 -22.67 27.71 -32.43
CA GLU A 112 -22.19 26.65 -31.57
C GLU A 112 -22.26 27.09 -30.10
N VAL A 113 -22.60 26.13 -29.24
CA VAL A 113 -22.61 26.29 -27.83
C VAL A 113 -21.90 25.09 -27.21
N ARG A 114 -20.69 25.33 -26.70
CA ARG A 114 -19.85 24.35 -26.04
C ARG A 114 -19.99 24.55 -24.53
N ILE A 115 -20.34 23.48 -23.82
CA ILE A 115 -20.59 23.50 -22.39
C ILE A 115 -19.60 22.55 -21.71
N VAL A 116 -18.74 23.13 -20.88
CA VAL A 116 -17.64 22.43 -20.29
C VAL A 116 -18.05 22.04 -18.87
N VAL A 117 -18.22 20.73 -18.66
CA VAL A 117 -18.50 20.19 -17.37
C VAL A 117 -17.19 20.01 -16.60
N ARG A 118 -17.20 20.47 -15.34
CA ARG A 118 -16.02 20.58 -14.46
C ARG A 118 -16.13 19.53 -13.37
N ASP A 119 -15.07 18.75 -13.18
CA ASP A 119 -15.10 17.66 -12.21
C ASP A 119 -15.38 18.27 -10.85
N ARG A 120 -16.08 17.51 -10.00
CA ARG A 120 -16.20 17.85 -8.60
C ARG A 120 -15.69 16.65 -7.83
N ASN A 121 -15.48 16.85 -6.52
CA ASN A 121 -14.85 15.85 -5.69
C ASN A 121 -15.93 15.05 -4.97
N ASP A 122 -16.80 14.45 -5.77
CA ASP A 122 -18.02 13.86 -5.32
C ASP A 122 -17.79 12.38 -5.05
N ASN A 123 -16.55 11.94 -5.25
CA ASN A 123 -16.19 10.57 -5.14
C ASN A 123 -14.99 10.48 -4.21
N SER A 124 -14.99 9.46 -3.37
CA SER A 124 -13.95 9.23 -2.40
C SER A 124 -12.99 8.19 -2.95
N PRO A 125 -11.76 8.12 -2.41
CA PRO A 125 -10.89 6.97 -2.61
C PRO A 125 -11.63 5.69 -2.25
N THR A 126 -11.17 4.56 -2.81
CA THR A 126 -11.65 3.22 -2.43
C THR A 126 -10.52 2.21 -2.65
N PHE A 127 -10.28 1.37 -1.65
CA PHE A 127 -9.30 0.34 -1.72
C PHE A 127 -9.86 -0.88 -2.44
N LYS A 128 -9.03 -1.45 -3.30
CA LYS A 128 -9.35 -2.62 -4.08
C LYS A 128 -9.60 -3.81 -3.17
N HIS A 129 -8.83 -3.98 -2.10
CA HIS A 129 -8.96 -5.12 -1.19
C HIS A 129 -9.62 -4.67 0.11
N GLU A 130 -10.21 -5.61 0.84
CA GLU A 130 -10.90 -5.25 2.07
C GLU A 130 -9.85 -5.04 3.17
N SER A 131 -8.83 -5.89 3.18
CA SER A 131 -7.65 -5.70 4.02
C SER A 131 -6.37 -5.94 3.18
N TYR A 132 -5.21 -5.53 3.72
CA TYR A 132 -3.91 -5.81 3.09
C TYR A 132 -3.02 -6.55 4.10
N TYR A 133 -1.84 -7.01 3.65
CA TYR A 133 -1.00 -7.88 4.47
C TYR A 133 0.43 -8.02 3.95
N ALA A 134 1.39 -8.03 4.88
CA ALA A 134 2.82 -8.08 4.59
C ALA A 134 3.51 -8.92 5.66
N THR A 135 4.73 -9.34 5.35
CA THR A 135 5.64 -9.86 6.37
C THR A 135 7.00 -9.15 6.28
N VAL A 136 7.83 -9.41 7.30
CA VAL A 136 9.09 -8.74 7.46
C VAL A 136 9.91 -9.53 8.48
N ASN A 137 11.12 -9.94 8.05
CA ASN A 137 12.05 -10.60 8.92
C ASN A 137 12.59 -9.56 9.92
N GLU A 138 12.77 -9.97 11.18
CA GLU A 138 13.12 -9.08 12.28
C GLU A 138 14.53 -8.46 12.10
N LEU A 139 15.30 -8.95 11.11
CA LEU A 139 16.66 -8.49 10.85
C LEU A 139 16.69 -7.32 9.85
N THR A 140 15.62 -7.20 9.06
CA THR A 140 15.39 -6.00 8.25
C THR A 140 15.90 -4.77 8.97
N PRO A 141 16.77 -3.95 8.35
CA PRO A 141 17.16 -2.67 8.94
C PRO A 141 16.08 -1.60 8.77
N VAL A 142 15.98 -0.69 9.73
CA VAL A 142 15.22 0.56 9.56
C VAL A 142 15.61 1.20 8.23
N GLY A 143 14.67 1.82 7.52
CA GLY A 143 14.92 2.37 6.16
C GLY A 143 14.40 1.48 5.04
N THR A 144 14.19 0.20 5.36
CA THR A 144 13.86 -0.80 4.38
C THR A 144 12.38 -0.68 3.98
N THR A 145 12.12 -0.60 2.68
CA THR A 145 10.78 -0.72 2.19
C THR A 145 10.38 -2.19 2.32
N ILE A 146 9.24 -2.43 2.96
CA ILE A 146 8.74 -3.76 3.32
C ILE A 146 7.39 -4.08 2.68
N PHE A 147 6.74 -3.08 2.05
CA PHE A 147 5.41 -3.23 1.43
C PHE A 147 5.24 -2.22 0.29
N THR A 148 4.71 -2.70 -0.85
CA THR A 148 4.47 -1.82 -2.02
C THR A 148 3.16 -2.17 -2.73
N GLY A 149 2.14 -2.60 -2.00
CA GLY A 149 0.92 -3.09 -2.58
C GLY A 149 -0.11 -2.02 -2.92
N PHE A 150 0.27 -0.73 -2.95
CA PHE A 150 -0.70 0.33 -3.28
C PHE A 150 -0.35 0.95 -4.63
N SER A 151 0.80 0.54 -5.16
CA SER A 151 1.11 0.61 -6.57
C SER A 151 0.21 -0.37 -7.34
N GLY A 152 0.29 -0.25 -8.66
CA GLY A 152 -0.40 -1.12 -9.59
C GLY A 152 -1.89 -0.80 -9.67
N ASP A 153 -2.26 0.35 -9.08
CA ASP A 153 -3.66 0.64 -8.76
C ASP A 153 -4.29 -0.58 -8.09
N ASN A 154 -3.52 -1.17 -7.16
CA ASN A 154 -3.91 -2.27 -6.34
C ASN A 154 -4.15 -1.71 -4.94
N GLY A 155 -3.98 -0.37 -4.81
CA GLY A 155 -4.36 0.34 -3.61
C GLY A 155 -5.71 1.03 -3.77
N ALA A 156 -5.80 2.24 -3.24
CA ALA A 156 -6.96 3.08 -3.36
C ALA A 156 -7.01 3.67 -4.76
N THR A 157 -8.22 3.92 -5.27
CA THR A 157 -8.47 4.65 -6.52
C THR A 157 -9.43 5.80 -6.25
N ASP A 158 -9.49 6.77 -7.18
CA ASP A 158 -10.47 7.85 -7.10
C ASP A 158 -10.87 8.21 -8.53
N ILE A 159 -12.18 8.10 -8.76
CA ILE A 159 -12.81 8.18 -10.03
C ILE A 159 -12.72 9.61 -10.56
N ASP A 160 -12.62 10.55 -9.64
CA ASP A 160 -12.50 11.95 -9.95
C ASP A 160 -11.18 12.20 -10.69
N ASP A 161 -11.08 13.40 -11.22
CA ASP A 161 -10.08 13.82 -12.18
C ASP A 161 -9.12 14.81 -11.49
N GLY A 162 -7.97 15.04 -12.12
CA GLY A 162 -6.99 15.92 -11.57
C GLY A 162 -6.67 15.56 -10.13
N PRO A 163 -6.55 16.56 -9.22
CA PRO A 163 -6.22 16.31 -7.82
C PRO A 163 -7.37 15.68 -7.03
N ASN A 164 -8.60 15.94 -7.47
CA ASN A 164 -9.78 15.32 -6.90
C ASN A 164 -9.63 13.81 -6.97
N GLY A 165 -8.63 13.34 -7.75
CA GLY A 165 -8.45 11.94 -8.08
C GLY A 165 -7.12 11.38 -7.63
N GLN A 166 -6.21 12.20 -7.09
CA GLN A 166 -4.95 11.69 -6.57
C GLN A 166 -5.10 11.30 -5.10
N ILE A 167 -4.36 10.26 -4.70
CA ILE A 167 -4.27 9.75 -3.32
C ILE A 167 -2.97 10.22 -2.66
N GLU A 168 -3.08 10.62 -1.39
CA GLU A 168 -2.00 10.59 -0.42
C GLU A 168 -2.31 9.54 0.64
N TYR A 169 -1.39 8.60 0.88
CA TYR A 169 -1.59 7.57 1.90
C TYR A 169 -0.87 8.04 3.18
N VAL A 170 -1.46 7.73 4.34
CA VAL A 170 -1.01 8.30 5.61
C VAL A 170 -1.33 7.35 6.77
N ILE A 171 -0.32 6.90 7.52
CA ILE A 171 -0.60 6.00 8.62
C ILE A 171 -1.35 6.75 9.73
N GLN A 172 -2.25 6.03 10.41
CA GLN A 172 -3.03 6.53 11.48
C GLN A 172 -2.78 5.70 12.74
N TYR A 173 -3.06 6.35 13.89
CA TYR A 173 -2.85 5.78 15.20
C TYR A 173 -3.82 4.60 15.37
N ASN A 174 -3.29 3.46 15.78
CA ASN A 174 -4.12 2.34 16.12
C ASN A 174 -4.27 2.30 17.64
N PRO A 175 -5.47 2.57 18.19
CA PRO A 175 -5.70 2.46 19.63
C PRO A 175 -5.62 1.01 20.13
N ASP A 176 -5.84 0.05 19.22
CA ASP A 176 -5.68 -1.37 19.54
C ASP A 176 -4.28 -1.87 19.15
N ASP A 177 -3.38 -0.95 18.75
CA ASP A 177 -1.98 -1.25 18.53
C ASP A 177 -1.17 0.05 18.47
N PRO A 178 -0.98 0.73 19.60
CA PRO A 178 -0.34 2.06 19.62
C PRO A 178 1.14 2.14 19.19
N THR A 179 1.72 0.94 19.06
CA THR A 179 3.06 0.69 18.58
C THR A 179 3.11 0.69 17.04
N SER A 180 2.04 0.28 16.38
CA SER A 180 2.04 0.19 14.91
C SER A 180 2.46 1.56 14.32
N ASN A 181 1.72 2.59 14.73
CA ASN A 181 1.94 3.97 14.41
C ASN A 181 3.44 4.24 14.26
N ASP A 182 4.19 3.86 15.30
CA ASP A 182 5.52 4.32 15.56
C ASP A 182 6.56 3.52 14.78
N THR A 183 6.15 2.37 14.26
CA THR A 183 7.11 1.40 13.78
C THR A 183 7.16 1.36 12.26
N PHE A 184 6.32 2.16 11.59
CA PHE A 184 6.32 2.17 10.16
C PHE A 184 5.99 3.57 9.66
N GLU A 185 6.48 3.91 8.47
CA GLU A 185 6.05 5.14 7.85
C GLU A 185 5.97 5.04 6.33
N ILE A 186 5.30 6.06 5.78
CA ILE A 186 5.14 6.30 4.40
C ILE A 186 5.86 7.61 4.11
N PRO A 187 7.19 7.56 3.87
CA PRO A 187 7.94 8.71 3.39
C PRO A 187 7.38 9.44 2.16
N LEU A 188 6.93 8.67 1.19
CA LEU A 188 6.28 9.17 0.00
C LEU A 188 4.81 8.83 0.10
N MET A 189 3.96 9.85 0.26
CA MET A 189 2.53 9.66 0.43
C MET A 189 1.90 9.16 -0.87
N LEU A 190 2.50 9.47 -2.01
CA LEU A 190 1.84 9.23 -3.26
C LEU A 190 2.02 7.78 -3.69
N THR A 191 3.10 7.15 -3.22
CA THR A 191 3.37 5.76 -3.50
C THR A 191 2.59 4.92 -2.50
N GLY A 192 2.67 5.32 -1.24
CA GLY A 192 2.15 4.55 -0.17
C GLY A 192 2.98 3.30 0.11
N ASN A 193 4.31 3.35 -0.16
CA ASN A 193 5.23 2.31 0.33
C ASN A 193 5.43 2.47 1.83
N ILE A 194 5.37 1.35 2.56
CA ILE A 194 5.59 1.35 3.99
C ILE A 194 7.07 1.05 4.22
N VAL A 195 7.63 1.74 5.21
CA VAL A 195 9.05 1.64 5.53
C VAL A 195 9.21 1.40 7.04
N LEU A 196 10.08 0.43 7.37
CA LEU A 196 10.41 0.06 8.75
C LEU A 196 11.13 1.24 9.40
N ARG A 197 10.61 1.65 10.56
CA ARG A 197 10.97 2.88 11.25
C ARG A 197 11.65 2.51 12.57
N LYS A 198 11.37 1.32 13.13
CA LYS A 198 12.09 0.82 14.33
C LYS A 198 12.59 -0.61 14.11
N ARG A 199 13.68 -0.96 14.80
CA ARG A 199 14.16 -2.36 14.85
C ARG A 199 13.13 -3.25 15.56
N LEU A 200 13.17 -4.55 15.27
CA LEU A 200 12.17 -5.52 15.72
C LEU A 200 12.82 -6.71 16.44
N ASN A 201 12.14 -7.19 17.47
CA ASN A 201 12.44 -8.42 18.10
C ASN A 201 11.16 -9.24 18.07
N TYR A 202 11.15 -10.20 17.15
CA TYR A 202 10.10 -11.21 16.99
C TYR A 202 9.67 -11.77 18.36
N GLU A 203 10.69 -12.04 19.18
CA GLU A 203 10.60 -12.59 20.50
C GLU A 203 9.66 -11.77 21.38
N ASP A 204 9.48 -10.48 21.07
CA ASP A 204 8.70 -9.55 21.87
C ASP A 204 7.27 -9.40 21.35
N LYS A 205 7.14 -9.17 20.05
CA LYS A 205 5.85 -8.92 19.41
C LYS A 205 5.96 -9.36 17.95
N THR A 206 4.95 -10.13 17.50
CA THR A 206 5.00 -10.78 16.19
C THR A 206 3.92 -10.24 15.23
N ARG A 207 3.06 -9.33 15.67
CA ARG A 207 2.08 -8.82 14.72
C ARG A 207 1.76 -7.35 14.97
N TYR A 208 1.42 -6.65 13.88
CA TYR A 208 1.11 -5.23 13.92
C TYR A 208 -0.11 -4.97 13.05
N PHE A 209 -1.05 -4.20 13.58
CA PHE A 209 -2.18 -3.75 12.83
C PHE A 209 -2.00 -2.27 12.51
N VAL A 210 -1.87 -1.97 11.22
CA VAL A 210 -1.49 -0.67 10.78
C VAL A 210 -2.66 -0.09 10.00
N ILE A 211 -3.33 0.90 10.57
CA ILE A 211 -4.34 1.60 9.84
C ILE A 211 -3.62 2.59 8.92
N ILE A 212 -4.00 2.56 7.64
CA ILE A 212 -3.56 3.52 6.65
C ILE A 212 -4.78 4.29 6.19
N GLN A 213 -4.67 5.62 6.12
CA GLN A 213 -5.75 6.43 5.60
C GLN A 213 -5.35 7.03 4.24
N ALA A 214 -6.06 6.60 3.20
CA ALA A 214 -5.98 7.23 1.93
C ALA A 214 -6.89 8.46 1.94
N ASN A 215 -6.54 9.50 1.18
CA ASN A 215 -7.31 10.71 1.10
C ASN A 215 -7.05 11.33 -0.26
N ASP A 216 -8.10 11.87 -0.90
CA ASP A 216 -7.89 12.52 -2.21
C ASP A 216 -7.22 13.88 -1.94
N ARG A 217 -6.81 14.57 -3.00
CA ARG A 217 -6.07 15.80 -2.85
C ARG A 217 -6.79 17.00 -3.46
N ALA A 218 -8.09 17.16 -3.20
CA ALA A 218 -8.80 18.32 -3.69
C ALA A 218 -8.19 19.61 -3.14
N GLN A 219 -8.28 20.68 -3.94
CA GLN A 219 -7.68 21.97 -3.59
C GLN A 219 -8.27 22.51 -2.28
N ASN A 220 -9.60 22.64 -2.25
CA ASN A 220 -10.29 23.02 -1.05
C ASN A 220 -10.23 21.85 -0.08
N LEU A 221 -9.55 22.05 1.04
CA LEU A 221 -9.19 20.96 1.91
C LEU A 221 -10.45 20.50 2.65
N ASN A 222 -11.48 21.35 2.57
CA ASN A 222 -12.75 21.07 3.17
C ASN A 222 -13.58 20.16 2.26
N GLU A 223 -13.11 19.95 1.02
CA GLU A 223 -13.81 19.09 0.07
C GLU A 223 -13.12 17.73 -0.08
N ARG A 224 -12.32 17.32 0.91
CA ARG A 224 -11.41 16.20 0.72
C ARG A 224 -11.95 14.94 1.39
N ARG A 225 -12.25 13.93 0.58
CA ARG A 225 -12.73 12.62 1.04
C ARG A 225 -11.53 11.75 1.46
N THR A 226 -11.82 10.73 2.27
CA THR A 226 -10.83 9.81 2.78
C THR A 226 -11.36 8.38 2.79
N THR A 227 -10.45 7.42 2.96
CA THR A 227 -10.78 6.06 3.35
C THR A 227 -9.70 5.57 4.31
N THR A 228 -9.99 4.47 5.01
CA THR A 228 -8.97 3.80 5.80
C THR A 228 -8.94 2.32 5.42
N THR A 229 -7.85 1.63 5.81
CA THR A 229 -7.68 0.16 5.74
C THR A 229 -6.77 -0.31 6.86
N THR A 230 -6.97 -1.53 7.36
CA THR A 230 -5.97 -2.17 8.22
C THR A 230 -4.98 -2.97 7.36
N LEU A 231 -3.69 -2.73 7.59
CA LEU A 231 -2.64 -3.61 7.12
C LEU A 231 -2.11 -4.43 8.29
N THR A 232 -2.21 -5.76 8.17
CA THR A 232 -1.68 -6.69 9.14
C THR A 232 -0.26 -7.05 8.75
N VAL A 233 0.70 -6.85 9.65
CA VAL A 233 2.07 -7.16 9.32
C VAL A 233 2.57 -8.21 10.30
N ASP A 234 3.13 -9.29 9.77
CA ASP A 234 3.67 -10.35 10.60
C ASP A 234 5.20 -10.31 10.58
N VAL A 235 5.78 -10.45 11.77
CA VAL A 235 7.21 -10.48 11.94
C VAL A 235 7.68 -11.93 11.80
N LEU A 236 8.79 -12.11 11.07
CA LEU A 236 9.41 -13.40 10.87
C LEU A 236 10.67 -13.51 11.73
N ASP A 237 10.77 -14.65 12.45
CA ASP A 237 11.95 -15.06 13.24
C ASP A 237 13.17 -15.22 12.32
N GLY A 238 14.17 -14.38 12.53
CA GLY A 238 15.45 -14.46 11.85
C GLY A 238 16.44 -15.28 12.65
N ASP A 239 17.52 -15.67 11.98
CA ASP A 239 18.62 -16.41 12.57
C ASP A 239 19.60 -15.38 13.11
N ASP A 240 19.38 -14.99 14.37
CA ASP A 240 20.21 -14.06 15.08
C ASP A 240 20.75 -14.75 16.33
N LEU A 241 20.41 -16.02 16.53
CA LEU A 241 20.85 -16.73 17.70
C LEU A 241 21.29 -18.11 17.27
N GLY A 242 22.31 -18.61 17.95
CA GLY A 242 22.84 -19.91 17.67
C GLY A 242 22.22 -20.94 18.60
N PRO A 243 22.89 -22.08 18.79
CA PRO A 243 22.33 -23.16 19.60
C PRO A 243 22.49 -22.94 21.11
N MET A 244 21.93 -23.87 21.89
CA MET A 244 21.98 -23.92 23.34
C MET A 244 21.90 -25.39 23.79
N PHE A 245 22.77 -25.77 24.74
CA PHE A 245 22.85 -27.15 25.19
C PHE A 245 21.65 -27.50 26.09
N LEU A 246 21.46 -28.81 26.30
CA LEU A 246 20.31 -29.36 27.03
C LEU A 246 20.72 -30.61 27.82
N PRO A 247 20.17 -30.78 29.04
CA PRO A 247 19.07 -29.98 29.59
C PRO A 247 19.48 -28.54 29.90
N CYS A 248 18.53 -27.61 29.74
CA CYS A 248 18.78 -26.18 29.87
C CYS A 248 19.57 -25.89 31.17
N THR A 261 27.29 -28.85 32.90
CA THR A 261 28.62 -29.47 32.86
C THR A 261 28.50 -31.00 32.76
N TYR A 262 28.59 -31.46 31.52
CA TYR A 262 28.47 -32.85 31.17
C TYR A 262 29.56 -33.65 31.90
N GLN A 263 29.18 -34.81 32.48
CA GLN A 263 30.07 -35.62 33.31
C GLN A 263 30.30 -37.01 32.68
N ALA A 264 31.56 -37.44 32.73
CA ALA A 264 31.98 -38.77 32.27
C ALA A 264 33.01 -39.39 33.25
N ALA A 265 33.24 -40.71 33.09
CA ALA A 265 34.06 -41.53 33.99
C ALA A 265 34.78 -42.63 33.18
N ILE A 266 35.97 -43.04 33.64
CA ILE A 266 36.74 -44.12 33.01
C ILE A 266 37.63 -44.82 34.03
N PRO A 267 37.94 -46.12 33.86
CA PRO A 267 39.03 -46.78 34.60
C PRO A 267 40.40 -46.14 34.35
N ASN A 276 32.92 -47.90 26.03
CA ASN A 276 33.04 -47.21 24.74
C ASN A 276 31.94 -47.66 23.79
N PRO A 277 31.30 -46.74 23.02
CA PRO A 277 31.49 -45.30 23.17
C PRO A 277 31.23 -44.81 24.61
N ILE A 278 31.82 -43.66 24.95
CA ILE A 278 31.84 -43.13 26.32
C ILE A 278 30.47 -42.53 26.63
N ILE A 279 29.91 -42.93 27.78
CA ILE A 279 28.58 -42.52 28.19
C ILE A 279 28.69 -41.18 28.93
N VAL A 280 27.81 -40.24 28.57
CA VAL A 280 27.87 -38.84 28.99
C VAL A 280 26.54 -38.44 29.62
N THR A 281 26.62 -37.95 30.85
CA THR A 281 25.49 -37.70 31.72
C THR A 281 25.40 -36.21 32.02
N PRO A 282 24.29 -35.53 31.64
CA PRO A 282 23.31 -36.06 30.69
C PRO A 282 23.92 -36.12 29.28
N PRO A 283 23.19 -36.59 28.25
CA PRO A 283 23.78 -36.72 26.91
C PRO A 283 23.82 -35.36 26.21
N ILE A 284 24.91 -35.11 25.51
CA ILE A 284 25.15 -33.82 24.85
C ILE A 284 24.10 -33.60 23.76
N GLN A 285 23.24 -32.62 23.95
CA GLN A 285 22.30 -32.25 22.92
C GLN A 285 22.15 -30.72 22.95
N ALA A 286 22.24 -30.09 21.77
CA ALA A 286 21.94 -28.68 21.60
C ALA A 286 20.70 -28.52 20.72
N ILE A 287 20.31 -27.26 20.44
CA ILE A 287 19.16 -26.90 19.57
C ILE A 287 19.24 -25.40 19.24
N ASP A 288 18.86 -25.01 18.02
CA ASP A 288 18.80 -23.61 17.62
C ASP A 288 17.87 -22.88 18.58
N GLN A 289 18.20 -21.62 18.86
CA GLN A 289 17.52 -20.82 19.86
C GLN A 289 16.37 -20.03 19.22
N ASP A 290 16.51 -19.65 17.95
CA ASP A 290 15.36 -19.14 17.17
C ASP A 290 14.39 -20.31 17.03
N ARG A 291 13.13 -20.13 17.44
CA ARG A 291 12.21 -21.27 17.64
C ARG A 291 11.06 -21.26 16.61
N ASN A 292 11.08 -20.35 15.62
CA ASN A 292 10.11 -20.44 14.53
C ASN A 292 10.67 -19.96 13.19
N ILE A 293 11.74 -20.62 12.71
CA ILE A 293 12.28 -20.34 11.37
C ILE A 293 11.35 -20.97 10.31
N GLN A 294 10.98 -20.18 9.30
CA GLN A 294 10.13 -20.61 8.19
C GLN A 294 10.80 -20.25 6.87
N PRO A 295 10.83 -21.15 5.85
CA PRO A 295 10.45 -22.55 6.00
C PRO A 295 11.38 -23.36 6.89
N PRO A 296 10.90 -24.49 7.47
CA PRO A 296 11.80 -25.51 8.03
C PRO A 296 13.02 -25.86 7.16
N SER A 297 12.87 -25.81 5.83
CA SER A 297 14.01 -26.02 4.90
C SER A 297 15.28 -25.32 5.42
N ASP A 298 15.11 -24.21 6.13
CA ASP A 298 16.19 -23.35 6.51
C ASP A 298 16.66 -23.66 7.94
N ARG A 299 15.89 -24.47 8.66
CA ARG A 299 16.30 -24.85 10.01
C ARG A 299 17.65 -25.54 9.88
N PRO A 300 18.71 -24.98 10.49
CA PRO A 300 20.07 -25.51 10.35
C PRO A 300 20.36 -26.70 11.27
N GLY A 301 21.58 -27.22 11.16
CA GLY A 301 22.08 -28.33 11.94
C GLY A 301 23.24 -27.91 12.82
N ILE A 302 23.50 -28.73 13.84
CA ILE A 302 24.45 -28.42 14.90
C ILE A 302 25.71 -29.25 14.69
N LEU A 303 26.86 -28.58 14.86
CA LEU A 303 28.17 -29.22 14.82
C LEU A 303 28.89 -29.05 16.16
N TYR A 304 29.20 -30.22 16.74
CA TYR A 304 29.85 -30.34 17.98
C TYR A 304 31.35 -30.57 17.75
N SER A 305 32.17 -29.82 18.49
CA SER A 305 33.59 -30.06 18.59
C SER A 305 34.03 -29.84 20.04
N ILE A 306 35.17 -30.42 20.39
CA ILE A 306 35.95 -30.02 21.56
C ILE A 306 36.76 -28.79 21.14
N LEU A 307 37.10 -27.92 22.08
CA LEU A 307 37.68 -26.60 21.76
C LEU A 307 39.03 -26.40 22.46
N VAL A 308 39.02 -26.56 23.78
CA VAL A 308 40.19 -26.43 24.61
C VAL A 308 40.06 -27.46 25.73
N GLY A 309 41.19 -27.82 26.34
CA GLY A 309 41.19 -28.84 27.35
C GLY A 309 42.51 -28.89 28.08
N THR A 310 42.46 -29.52 29.26
CA THR A 310 43.60 -29.74 30.13
C THR A 310 43.42 -31.09 30.84
N PRO A 311 44.52 -31.80 31.19
CA PRO A 311 45.83 -31.59 30.57
C PRO A 311 45.75 -31.46 29.04
N GLU A 312 46.70 -30.69 28.49
CA GLU A 312 46.69 -30.19 27.10
C GLU A 312 46.91 -31.33 26.08
N ASP A 313 47.33 -32.51 26.55
CA ASP A 313 47.57 -33.67 25.67
C ASP A 313 46.25 -34.39 25.36
N TYR A 314 45.13 -33.77 25.75
CA TYR A 314 43.79 -34.33 25.60
C TYR A 314 43.55 -34.83 24.17
N PRO A 315 44.07 -34.19 23.09
CA PRO A 315 43.75 -34.65 21.73
C PRO A 315 44.20 -36.11 21.49
N ARG A 316 45.27 -36.52 22.19
CA ARG A 316 45.79 -37.91 22.14
C ARG A 316 44.68 -38.94 22.41
N PHE A 317 43.66 -38.57 23.19
CA PHE A 317 42.68 -39.53 23.73
C PHE A 317 41.25 -39.28 23.24
N PHE A 318 40.94 -38.12 22.65
CA PHE A 318 39.53 -37.75 22.44
C PHE A 318 39.30 -37.09 21.08
N HIS A 319 38.48 -37.78 20.28
CA HIS A 319 37.71 -37.19 19.20
C HIS A 319 36.25 -37.19 19.64
N MET A 320 35.45 -36.37 18.96
CA MET A 320 34.02 -36.37 19.14
C MET A 320 33.34 -36.23 17.77
N HIS A 321 32.37 -37.11 17.50
CA HIS A 321 31.70 -37.11 16.23
C HIS A 321 30.98 -35.78 16.03
N PRO A 322 31.20 -35.08 14.91
CA PRO A 322 30.83 -33.67 14.80
C PRO A 322 29.35 -33.41 14.51
N ARG A 323 28.55 -34.46 14.27
CA ARG A 323 27.10 -34.28 14.11
C ARG A 323 26.33 -35.00 15.22
N THR A 324 26.98 -35.85 16.03
CA THR A 324 26.25 -36.55 17.09
C THR A 324 26.93 -36.44 18.46
N ALA A 325 28.16 -35.93 18.52
CA ALA A 325 28.83 -35.65 19.80
C ALA A 325 29.14 -36.95 20.57
N GLU A 326 29.67 -37.95 19.86
CA GLU A 326 29.92 -39.28 20.44
C GLU A 326 31.41 -39.45 20.71
N LEU A 327 31.73 -39.88 21.93
CA LEU A 327 33.09 -39.84 22.42
C LEU A 327 33.88 -41.04 21.91
N SER A 328 34.80 -40.69 21.01
CA SER A 328 35.96 -41.46 20.71
C SER A 328 36.92 -41.33 21.89
N LEU A 329 37.39 -42.49 22.39
CA LEU A 329 38.58 -42.61 23.26
C LEU A 329 39.75 -43.08 22.41
N LEU A 330 40.96 -42.59 22.69
CA LEU A 330 42.18 -42.89 21.91
C LEU A 330 43.36 -43.11 22.86
N ASN A 334 45.38 -45.27 32.44
CA ASN A 334 46.61 -44.55 32.78
C ASN A 334 46.38 -43.72 34.05
N ARG A 335 45.74 -44.32 35.04
CA ARG A 335 45.20 -43.62 36.23
C ARG A 335 46.22 -42.62 36.81
N ASP A 336 47.49 -43.02 36.86
CA ASP A 336 48.52 -42.36 37.69
C ASP A 336 49.28 -41.30 36.86
N PHE A 337 49.00 -41.23 35.55
CA PHE A 337 49.54 -40.19 34.65
C PHE A 337 48.54 -39.04 34.51
N HIS A 338 47.25 -39.39 34.40
CA HIS A 338 46.14 -38.44 34.27
C HIS A 338 44.98 -38.86 35.18
N GLN A 339 44.75 -38.07 36.23
CA GLN A 339 43.67 -38.32 37.14
C GLN A 339 42.33 -37.93 36.50
N LYS A 340 42.35 -36.87 35.67
CA LYS A 340 41.14 -36.27 35.09
C LYS A 340 41.44 -35.37 33.89
N PHE A 341 40.44 -35.29 33.00
CA PHE A 341 40.39 -34.38 31.87
C PHE A 341 39.19 -33.45 32.01
N ASP A 342 39.42 -32.16 31.77
CA ASP A 342 38.36 -31.18 31.84
C ASP A 342 38.37 -30.39 30.51
N LEU A 343 37.34 -30.62 29.69
CA LEU A 343 37.22 -30.04 28.35
C LEU A 343 36.05 -29.06 28.29
N VAL A 344 36.01 -28.28 27.22
CA VAL A 344 34.90 -27.38 26.98
C VAL A 344 34.43 -27.54 25.53
N ILE A 345 33.10 -27.63 25.35
CA ILE A 345 32.48 -28.11 24.11
C ILE A 345 31.77 -26.96 23.37
N LYS A 346 32.09 -26.85 22.07
CA LYS A 346 31.41 -25.99 21.18
C LYS A 346 30.28 -26.76 20.51
N ALA A 347 29.18 -26.04 20.28
CA ALA A 347 28.14 -26.36 19.34
C ALA A 347 27.90 -25.10 18.53
N GLU A 348 27.90 -25.23 17.21
CA GLU A 348 27.67 -24.07 16.38
C GLU A 348 26.79 -24.48 15.18
N GLN A 349 26.19 -23.47 14.55
CA GLN A 349 25.31 -23.64 13.38
C GLN A 349 26.16 -23.92 12.13
N ASP A 350 25.59 -24.69 11.21
CA ASP A 350 26.27 -25.18 9.99
C ASP A 350 25.71 -24.48 8.74
N ASN A 351 25.74 -23.14 8.74
CA ASN A 351 25.20 -22.39 7.62
C ASN A 351 25.95 -21.05 7.51
N GLY A 352 27.23 -21.11 7.88
CA GLY A 352 28.09 -19.95 7.93
C GLY A 352 27.54 -18.88 8.86
N HIS A 353 26.76 -19.29 9.86
CA HIS A 353 26.44 -18.45 10.99
C HIS A 353 26.73 -19.25 12.26
N PRO A 354 28.03 -19.53 12.56
CA PRO A 354 28.42 -20.32 13.72
C PRO A 354 27.64 -19.94 14.99
N LEU A 355 27.57 -18.64 15.28
CA LEU A 355 26.88 -18.06 16.44
C LEU A 355 26.97 -19.02 17.63
N PRO A 356 28.20 -19.44 17.99
CA PRO A 356 28.41 -20.69 18.73
C PRO A 356 28.06 -20.67 20.24
N ALA A 357 27.73 -21.85 20.76
CA ALA A 357 27.41 -22.06 22.16
C ALA A 357 28.42 -23.01 22.77
N PHE A 358 28.55 -22.89 24.09
CA PHE A 358 29.64 -23.46 24.86
C PHE A 358 29.10 -24.18 26.10
N ALA A 359 29.84 -25.20 26.52
CA ALA A 359 29.46 -26.06 27.61
C ALA A 359 30.68 -26.88 28.02
N GLY A 360 30.88 -27.01 29.32
CA GLY A 360 31.98 -27.80 29.83
C GLY A 360 31.64 -29.27 29.85
N LEU A 361 32.70 -30.08 30.02
CA LEU A 361 32.60 -31.50 30.23
C LEU A 361 33.83 -31.96 31.03
N HIS A 362 33.58 -32.55 32.21
CA HIS A 362 34.60 -33.09 33.14
C HIS A 362 34.64 -34.61 32.98
N ILE A 363 35.82 -35.22 33.18
CA ILE A 363 36.01 -36.69 32.93
C ILE A 363 37.04 -37.29 33.91
N GLU A 364 36.53 -38.01 34.91
CA GLU A 364 37.37 -38.62 35.95
C GLU A 364 37.87 -39.98 35.49
N ILE A 365 38.92 -40.46 36.18
CA ILE A 365 39.53 -41.77 35.94
C ILE A 365 39.61 -42.52 37.27
CA CA B . -19.80 12.75 -10.62
CA CA C . -16.33 13.92 -9.90
CA CA D . -12.27 12.22 -5.16
CA CA E . 19.43 -19.39 14.50
CA CA F . 15.35 -14.82 16.05
#